data_9KBF
#
_entry.id   9KBF
#
_cell.length_a   1.00
_cell.length_b   1.00
_cell.length_c   1.00
_cell.angle_alpha   90.00
_cell.angle_beta   90.00
_cell.angle_gamma   90.00
#
_symmetry.space_group_name_H-M   'P 1'
#
loop_
_entity.id
_entity.type
_entity.pdbx_description
1 polymer 'S-phase kinase-associated protein 1'
2 polymer 'F-box only protein 3'
#
loop_
_entity_poly.entity_id
_entity_poly.type
_entity_poly.pdbx_seq_one_letter_code
_entity_poly.pdbx_strand_id
1 'polypeptide(L)'
;MPSIKLQSSDGEIFEVDVEIAKQSVTIKTMLEDLGMDDEGDDDPVPLPNVNAAILKKVIQWCTHHKDDPPPPEDDENKEK
RTDDIPVWDQEFLKVDQGTLFELILAANYLDIKGLLDVTCKTVANMIKGKTPEEIRKTFNIKNDFTEEEEAQVRKENQWC
EEK
;
B
2 'polypeptide(L)'
;METETAPLTLESLPTDPLLLILSFLDYRDLINCCYVSRRLSQLSSHDPLWRRHCKKYWLISEEEKTQKNQCWKSLFIDTY
SDVGRYIDHYAAIKKAWDDLKKYLEPRCPRMVLSLKEGAREEDLDAVEAQIGCKLPDDYRCSYRIHNGQKLVVPGLLGSM
ALSNHYRSEDLLDVDTAAGGFQQRQGLKYCLPLTFCIHTGLSQYIAVEAAEGRNKNEVFYQCPDQMARNPAAIDMFIIGA
TFTDWFTSYVKNVVSGGFPIIRDQIFRYVHDPECVATTGDITVSVSTSFLPELSSVHPPHYFFTYRIRIEMSKDALPEKA
CQLDSRYWRITNAKGDVEEVQGPGVVGEFPIISPGRVYEYTSCTTFSTTSGYMEGYYTFHFLYFKDKIFNVAIPRFHMAC
PTFRVSIARLEMGPDEYEEMEEEEEEEEEEDEDDDS
;
C
#
# COMPACT_ATOMS: atom_id res chain seq x y z
N MET A 1 -43.08 22.99 17.95
CA MET A 1 -42.25 21.92 17.40
C MET A 1 -43.10 20.69 17.09
N PRO A 2 -42.97 20.16 15.88
CA PRO A 2 -43.71 18.93 15.53
C PRO A 2 -43.26 17.77 16.40
N SER A 3 -44.21 16.94 16.81
CA SER A 3 -43.96 15.93 17.82
C SER A 3 -44.63 14.62 17.45
N ILE A 4 -44.27 13.57 18.18
CA ILE A 4 -44.83 12.24 18.02
C ILE A 4 -44.79 11.55 19.38
N LYS A 5 -45.68 10.59 19.57
CA LYS A 5 -45.80 9.86 20.82
C LYS A 5 -45.34 8.42 20.61
N LEU A 6 -44.36 7.98 21.39
CA LEU A 6 -43.86 6.62 21.37
C LEU A 6 -44.26 5.95 22.67
N GLN A 7 -44.97 4.83 22.58
CA GLN A 7 -45.49 4.13 23.74
C GLN A 7 -44.72 2.84 23.92
N SER A 8 -44.32 2.56 25.16
CA SER A 8 -43.59 1.36 25.49
C SER A 8 -44.54 0.20 25.76
N SER A 9 -43.96 -1.00 25.87
CA SER A 9 -44.73 -2.15 26.30
C SER A 9 -45.16 -2.02 27.75
N ASP A 10 -44.38 -1.31 28.57
CA ASP A 10 -44.77 -1.06 29.95
C ASP A 10 -45.98 -0.13 30.01
N GLY A 11 -46.03 0.87 29.15
CA GLY A 11 -47.16 1.77 29.11
C GLY A 11 -46.78 3.24 29.15
N GLU A 12 -45.50 3.51 29.37
CA GLU A 12 -45.03 4.89 29.47
C GLU A 12 -45.10 5.58 28.11
N ILE A 13 -45.65 6.78 28.09
CA ILE A 13 -45.82 7.55 26.87
C ILE A 13 -44.69 8.57 26.82
N PHE A 14 -43.74 8.35 25.92
CA PHE A 14 -42.67 9.30 25.69
C PHE A 14 -43.03 10.20 24.52
N GLU A 15 -42.59 11.45 24.59
CA GLU A 15 -42.82 12.41 23.53
C GLU A 15 -41.49 12.72 22.86
N VAL A 16 -41.41 12.50 21.55
CA VAL A 16 -40.18 12.70 20.79
C VAL A 16 -40.46 13.66 19.64
N ASP A 17 -39.56 14.61 19.43
CA ASP A 17 -39.63 15.46 18.25
C ASP A 17 -39.53 14.58 17.00
N VAL A 18 -40.42 14.83 16.04
CA VAL A 18 -40.52 13.94 14.88
C VAL A 18 -39.25 14.01 14.04
N GLU A 19 -38.58 15.17 14.01
CA GLU A 19 -37.30 15.24 13.31
C GLU A 19 -36.23 14.45 14.03
N ILE A 20 -36.36 14.28 15.35
CA ILE A 20 -35.46 13.40 16.07
C ILE A 20 -35.82 11.94 15.79
N ALA A 21 -37.08 11.57 16.01
CA ALA A 21 -37.49 10.17 15.89
C ALA A 21 -37.42 9.65 14.46
N LYS A 22 -37.31 10.53 13.46
CA LYS A 22 -37.16 10.06 12.09
C LYS A 22 -35.79 9.45 11.82
N GLN A 23 -34.85 9.55 12.76
CA GLN A 23 -33.57 8.86 12.58
C GLN A 23 -33.76 7.36 12.59
N SER A 24 -34.70 6.87 13.39
CA SER A 24 -35.07 5.47 13.33
C SER A 24 -35.79 5.19 12.01
N VAL A 25 -35.29 4.20 11.27
CA VAL A 25 -35.77 3.97 9.91
C VAL A 25 -37.23 3.53 9.92
N THR A 26 -37.61 2.66 10.87
CA THR A 26 -38.98 2.17 10.92
C THR A 26 -39.97 3.31 11.18
N ILE A 27 -39.66 4.17 12.15
CA ILE A 27 -40.56 5.28 12.44
C ILE A 27 -40.58 6.26 11.27
N LYS A 28 -39.44 6.44 10.60
CA LYS A 28 -39.40 7.33 9.44
C LYS A 28 -40.29 6.81 8.32
N THR A 29 -40.23 5.50 8.05
CA THR A 29 -41.09 4.93 7.02
C THR A 29 -42.55 5.03 7.42
N MET A 30 -42.86 4.77 8.69
CA MET A 30 -44.25 4.83 9.15
C MET A 30 -44.81 6.24 9.02
N LEU A 31 -44.04 7.25 9.39
CA LEU A 31 -44.53 8.63 9.35
C LEU A 31 -44.28 9.31 8.02
N GLU A 32 -43.61 8.64 7.07
CA GLU A 32 -43.47 9.14 5.73
C GLU A 32 -44.40 8.49 4.73
N ASP A 33 -44.94 7.32 5.05
CA ASP A 33 -45.89 6.64 4.18
C ASP A 33 -47.29 6.56 4.76
N LEU A 34 -47.44 6.53 6.07
CA LEU A 34 -48.75 6.31 6.66
C LEU A 34 -49.13 7.36 7.69
N GLY A 35 -48.20 7.75 8.56
CA GLY A 35 -48.55 8.56 9.72
C GLY A 35 -48.84 10.02 9.48
N MET A 36 -47.82 10.78 9.07
CA MET A 36 -47.99 12.21 8.86
C MET A 36 -48.77 12.52 7.59
N ASP A 37 -48.84 11.57 6.65
CA ASP A 37 -49.67 11.76 5.47
C ASP A 37 -51.15 11.83 5.84
N ASP A 38 -51.57 11.00 6.79
CA ASP A 38 -52.95 10.99 7.25
C ASP A 38 -53.20 11.94 8.43
N GLU A 39 -52.14 12.40 9.09
CA GLU A 39 -52.21 13.26 10.28
C GLU A 39 -53.08 12.62 11.37
N GLY A 40 -52.60 11.49 11.89
CA GLY A 40 -53.29 10.83 12.99
C GLY A 40 -53.39 11.72 14.21
N ASP A 41 -54.49 11.58 14.94
CA ASP A 41 -54.84 12.50 16.02
C ASP A 41 -53.99 12.26 17.27
N ASP A 42 -52.67 12.45 17.10
CA ASP A 42 -51.63 12.31 18.11
C ASP A 42 -51.81 11.11 19.04
N ASP A 43 -52.34 10.01 18.51
CA ASP A 43 -52.46 8.80 19.30
C ASP A 43 -51.08 8.20 19.52
N PRO A 44 -50.86 7.54 20.67
CA PRO A 44 -49.55 6.95 20.93
C PRO A 44 -49.26 5.80 19.98
N VAL A 45 -48.07 5.82 19.39
CA VAL A 45 -47.61 4.75 18.52
C VAL A 45 -46.98 3.68 19.41
N PRO A 46 -47.63 2.54 19.61
CA PRO A 46 -47.07 1.54 20.52
C PRO A 46 -45.89 0.82 19.90
N LEU A 47 -44.88 0.55 20.74
CA LEU A 47 -43.69 -0.19 20.36
C LEU A 47 -43.57 -1.36 21.33
N PRO A 48 -44.31 -2.43 21.10
CA PRO A 48 -44.44 -3.49 22.11
C PRO A 48 -43.22 -4.38 22.28
N ASN A 49 -42.18 -4.22 21.47
CA ASN A 49 -41.00 -5.07 21.59
C ASN A 49 -39.87 -4.43 22.39
N VAL A 50 -40.09 -3.23 22.95
CA VAL A 50 -39.10 -2.57 23.80
C VAL A 50 -39.77 -2.22 25.12
N ASN A 51 -38.95 -2.02 26.15
CA ASN A 51 -39.45 -1.62 27.45
C ASN A 51 -39.18 -0.13 27.68
N ALA A 52 -39.55 0.34 28.86
CA ALA A 52 -39.54 1.78 29.14
C ALA A 52 -38.12 2.33 29.20
N ALA A 53 -37.24 1.67 29.95
CA ALA A 53 -35.88 2.17 30.14
C ALA A 53 -35.10 2.15 28.83
N ILE A 54 -35.27 1.09 28.04
CA ILE A 54 -34.56 1.00 26.77
C ILE A 54 -35.07 2.04 25.78
N LEU A 55 -36.38 2.30 25.80
CA LEU A 55 -36.92 3.37 24.97
C LEU A 55 -36.37 4.72 25.40
N LYS A 56 -36.25 4.94 26.71
CA LYS A 56 -35.67 6.19 27.19
C LYS A 56 -34.22 6.32 26.75
N LYS A 57 -33.47 5.22 26.76
CA LYS A 57 -32.08 5.27 26.35
C LYS A 57 -31.93 5.51 24.86
N VAL A 58 -32.79 4.89 24.03
CA VAL A 58 -32.69 5.16 22.60
C VAL A 58 -33.13 6.58 22.28
N ILE A 59 -34.08 7.13 23.05
CA ILE A 59 -34.48 8.52 22.85
C ILE A 59 -33.34 9.46 23.22
N GLN A 60 -32.67 9.19 24.34
CA GLN A 60 -31.52 9.99 24.74
C GLN A 60 -30.41 9.94 23.70
N TRP A 61 -30.11 8.73 23.21
CA TRP A 61 -29.06 8.59 22.19
C TRP A 61 -29.44 9.32 20.92
N CYS A 62 -30.68 9.19 20.49
CA CYS A 62 -31.08 9.80 19.22
C CYS A 62 -31.14 11.32 19.33
N THR A 63 -31.54 11.84 20.49
CA THR A 63 -31.47 13.29 20.71
C THR A 63 -30.02 13.76 20.71
N HIS A 64 -29.11 12.96 21.28
CA HIS A 64 -27.71 13.32 21.22
C HIS A 64 -27.16 13.27 19.80
N HIS A 65 -27.79 12.48 18.93
CA HIS A 65 -27.38 12.37 17.54
C HIS A 65 -28.43 12.97 16.59
N LYS A 66 -29.21 13.95 17.08
CA LYS A 66 -30.27 14.53 16.26
C LYS A 66 -29.69 15.34 15.10
N ASP A 67 -28.48 15.87 15.26
CA ASP A 67 -27.78 16.60 14.20
C ASP A 67 -26.60 15.81 13.66
N ASP A 68 -26.64 14.49 13.77
CA ASP A 68 -25.55 13.66 13.28
C ASP A 68 -25.50 13.72 11.76
N PRO A 69 -24.31 13.80 11.17
CA PRO A 69 -24.18 13.75 9.72
C PRO A 69 -24.57 12.37 9.19
N PRO A 70 -25.00 12.28 7.94
CA PRO A 70 -25.38 10.98 7.37
C PRO A 70 -24.22 10.01 7.36
N PRO A 71 -24.48 8.73 7.62
CA PRO A 71 -23.39 7.76 7.71
C PRO A 71 -22.77 7.52 6.35
N PRO A 72 -21.49 7.11 6.31
CA PRO A 72 -20.87 6.77 5.02
C PRO A 72 -21.41 5.43 4.52
N GLU A 73 -22.01 5.45 3.34
CA GLU A 73 -22.60 4.24 2.74
C GLU A 73 -21.48 3.51 1.99
N ASP A 74 -20.66 2.80 2.77
CA ASP A 74 -19.54 2.02 2.26
C ASP A 74 -19.40 0.75 3.07
N ASP A 75 -19.07 -0.34 2.40
CA ASP A 75 -18.91 -1.65 3.02
C ASP A 75 -17.75 -2.37 2.34
N GLU A 76 -17.66 -3.67 2.61
CA GLU A 76 -16.71 -4.57 1.97
C GLU A 76 -15.27 -4.14 2.17
N ASN A 77 -14.71 -3.41 1.20
CA ASN A 77 -13.33 -2.97 1.26
C ASN A 77 -13.13 -1.73 2.11
N LYS A 78 -14.20 -1.10 2.58
CA LYS A 78 -14.04 0.05 3.47
C LYS A 78 -13.50 -0.35 4.82
N GLU A 79 -13.72 -1.62 5.23
CA GLU A 79 -13.16 -2.19 6.44
C GLU A 79 -13.61 -1.41 7.69
N LYS A 80 -14.90 -1.54 7.98
CA LYS A 80 -15.48 -0.96 9.19
C LYS A 80 -14.72 -1.44 10.42
N ARG A 81 -14.05 -0.50 11.10
CA ARG A 81 -13.22 -0.81 12.24
C ARG A 81 -14.05 -0.80 13.52
N THR A 82 -13.39 -0.91 14.67
CA THR A 82 -14.08 -0.93 15.95
C THR A 82 -13.53 0.11 16.92
N ASP A 83 -12.85 1.13 16.40
CA ASP A 83 -12.26 2.16 17.26
C ASP A 83 -12.76 3.57 16.97
N ASP A 84 -13.54 3.77 15.92
CA ASP A 84 -14.05 5.09 15.58
C ASP A 84 -15.34 5.43 16.31
N ILE A 85 -15.61 4.79 17.43
CA ILE A 85 -16.79 5.12 18.24
C ILE A 85 -16.57 6.49 18.88
N PRO A 86 -17.52 7.41 18.82
CA PRO A 86 -17.37 8.69 19.50
C PRO A 86 -17.30 8.52 21.01
N VAL A 87 -16.61 9.47 21.66
CA VAL A 87 -16.33 9.34 23.09
C VAL A 87 -17.61 9.40 23.91
N TRP A 88 -18.57 10.23 23.50
CA TRP A 88 -19.85 10.22 24.18
C TRP A 88 -20.61 8.93 23.91
N ASP A 89 -20.46 8.37 22.71
CA ASP A 89 -21.06 7.08 22.42
C ASP A 89 -20.40 5.98 23.24
N GLN A 90 -19.09 6.08 23.45
CA GLN A 90 -18.42 5.13 24.33
C GLN A 90 -18.92 5.23 25.77
N GLU A 91 -19.10 6.45 26.27
CA GLU A 91 -19.52 6.62 27.65
C GLU A 91 -20.99 6.27 27.85
N PHE A 92 -21.83 6.51 26.84
CA PHE A 92 -23.26 6.25 26.98
C PHE A 92 -23.55 4.75 27.04
N LEU A 93 -22.76 3.93 26.35
CA LEU A 93 -23.02 2.51 26.29
C LEU A 93 -22.43 1.74 27.46
N LYS A 94 -21.81 2.43 28.42
CA LYS A 94 -21.20 1.76 29.58
C LYS A 94 -22.32 1.30 30.52
N VAL A 95 -22.93 0.18 30.14
CA VAL A 95 -23.94 -0.49 30.93
C VAL A 95 -23.61 -1.98 30.97
N ASP A 96 -24.38 -2.73 31.75
CA ASP A 96 -24.18 -4.16 31.83
C ASP A 96 -24.63 -4.84 30.54
N GLN A 97 -24.32 -6.14 30.44
CA GLN A 97 -24.56 -6.88 29.21
C GLN A 97 -26.05 -7.00 28.90
N GLY A 98 -26.89 -7.14 29.91
CA GLY A 98 -28.32 -7.26 29.68
C GLY A 98 -28.91 -6.01 29.06
N THR A 99 -28.55 -4.84 29.61
CA THR A 99 -29.05 -3.58 29.06
C THR A 99 -28.49 -3.35 27.66
N LEU A 100 -27.22 -3.69 27.43
CA LEU A 100 -26.64 -3.54 26.11
C LEU A 100 -27.34 -4.44 25.08
N PHE A 101 -27.66 -5.67 25.47
CA PHE A 101 -28.31 -6.58 24.54
C PHE A 101 -29.74 -6.17 24.26
N GLU A 102 -30.46 -5.69 25.29
CA GLU A 102 -31.79 -5.14 25.05
C GLU A 102 -31.72 -3.90 24.17
N LEU A 103 -30.65 -3.12 24.30
CA LEU A 103 -30.48 -1.96 23.43
C LEU A 103 -30.21 -2.39 22.00
N ILE A 104 -29.45 -3.47 21.80
CA ILE A 104 -29.24 -3.99 20.44
C ILE A 104 -30.56 -4.48 19.86
N LEU A 105 -31.36 -5.17 20.66
CA LEU A 105 -32.68 -5.62 20.20
C LEU A 105 -33.56 -4.44 19.80
N ALA A 106 -33.56 -3.38 20.62
CA ALA A 106 -34.34 -2.19 20.27
C ALA A 106 -33.80 -1.53 19.01
N ALA A 107 -32.48 -1.51 18.86
CA ALA A 107 -31.88 -0.89 17.68
C ALA A 107 -32.19 -1.68 16.42
N ASN A 108 -32.30 -3.00 16.53
CA ASN A 108 -32.69 -3.78 15.36
C ASN A 108 -34.17 -3.64 15.07
N TYR A 109 -35.00 -3.49 16.12
CA TYR A 109 -36.43 -3.31 15.91
C TYR A 109 -36.73 -1.98 15.23
N LEU A 110 -36.18 -0.89 15.76
CA LEU A 110 -36.41 0.42 15.17
C LEU A 110 -35.48 0.71 14.00
N ASP A 111 -34.51 -0.18 13.74
CA ASP A 111 -33.58 -0.06 12.62
C ASP A 111 -32.79 1.25 12.66
N ILE A 112 -32.48 1.72 13.87
CA ILE A 112 -31.60 2.88 14.02
C ILE A 112 -30.21 2.45 13.60
N LYS A 113 -29.72 2.97 12.48
CA LYS A 113 -28.45 2.50 11.95
C LYS A 113 -27.29 2.87 12.86
N GLY A 114 -27.27 4.10 13.35
CA GLY A 114 -26.15 4.55 14.16
C GLY A 114 -26.06 3.83 15.49
N LEU A 115 -27.19 3.68 16.19
CA LEU A 115 -27.18 3.04 17.50
C LEU A 115 -26.85 1.55 17.37
N LEU A 116 -27.44 0.89 16.37
CA LEU A 116 -27.12 -0.52 16.13
C LEU A 116 -25.65 -0.68 15.79
N ASP A 117 -25.11 0.21 14.97
CA ASP A 117 -23.72 0.12 14.57
C ASP A 117 -22.78 0.31 15.76
N VAL A 118 -23.05 1.30 16.62
CA VAL A 118 -22.14 1.53 17.74
C VAL A 118 -22.29 0.46 18.81
N THR A 119 -23.51 -0.07 19.03
CA THR A 119 -23.66 -1.13 20.02
C THR A 119 -23.00 -2.41 19.53
N CYS A 120 -23.14 -2.74 18.24
CA CYS A 120 -22.44 -3.89 17.70
C CYS A 120 -20.93 -3.68 17.76
N LYS A 121 -20.47 -2.44 17.57
CA LYS A 121 -19.04 -2.15 17.67
C LYS A 121 -18.54 -2.39 19.08
N THR A 122 -19.28 -1.95 20.10
CA THR A 122 -18.83 -2.18 21.47
C THR A 122 -18.89 -3.66 21.84
N VAL A 123 -19.92 -4.38 21.39
CA VAL A 123 -19.99 -5.80 21.67
C VAL A 123 -18.84 -6.55 21.00
N ALA A 124 -18.52 -6.18 19.76
CA ALA A 124 -17.37 -6.77 19.08
C ALA A 124 -16.07 -6.45 19.81
N ASN A 125 -15.94 -5.21 20.30
CA ASN A 125 -14.76 -4.84 21.07
C ASN A 125 -14.68 -5.58 22.40
N MET A 126 -15.81 -6.07 22.91
CA MET A 126 -15.78 -6.93 24.08
C MET A 126 -15.41 -8.37 23.75
N ILE A 127 -15.24 -8.71 22.47
CA ILE A 127 -14.98 -10.08 22.05
C ILE A 127 -13.64 -10.15 21.33
N LYS A 128 -13.25 -9.05 20.70
CA LYS A 128 -12.09 -9.04 19.80
C LYS A 128 -10.81 -9.28 20.58
N GLY A 129 -10.15 -10.40 20.28
CA GLY A 129 -8.85 -10.70 20.86
C GLY A 129 -8.91 -11.37 22.22
N LYS A 130 -9.76 -12.38 22.37
CA LYS A 130 -9.90 -13.09 23.63
C LYS A 130 -10.01 -14.58 23.38
N THR A 131 -9.44 -15.36 24.30
CA THR A 131 -9.50 -16.81 24.24
C THR A 131 -10.94 -17.28 24.43
N PRO A 132 -11.30 -18.48 23.93
CA PRO A 132 -12.70 -18.93 24.06
C PRO A 132 -13.13 -19.08 25.51
N GLU A 133 -12.22 -19.47 26.40
CA GLU A 133 -12.54 -19.48 27.83
C GLU A 133 -12.78 -18.06 28.32
N GLU A 134 -11.99 -17.09 27.85
CA GLU A 134 -12.21 -15.70 28.22
C GLU A 134 -13.56 -15.20 27.71
N ILE A 135 -13.93 -15.59 26.49
CA ILE A 135 -15.23 -15.19 25.94
C ILE A 135 -16.37 -15.79 26.76
N ARG A 136 -16.27 -17.08 27.07
CA ARG A 136 -17.33 -17.72 27.84
C ARG A 136 -17.35 -17.28 29.31
N LYS A 137 -16.27 -16.69 29.80
CA LYS A 137 -16.30 -16.14 31.16
C LYS A 137 -16.82 -14.71 31.17
N THR A 138 -16.46 -13.91 30.16
CA THR A 138 -17.00 -12.56 30.05
C THR A 138 -18.49 -12.60 29.80
N PHE A 139 -18.94 -13.45 28.89
CA PHE A 139 -20.35 -13.67 28.64
C PHE A 139 -20.80 -14.85 29.50
N ASN A 140 -21.99 -15.38 29.23
CA ASN A 140 -22.51 -16.53 29.98
C ASN A 140 -23.09 -17.54 28.98
N ILE A 141 -22.24 -18.41 28.46
CA ILE A 141 -22.65 -19.49 27.57
C ILE A 141 -22.00 -20.77 28.04
N LYS A 142 -22.82 -21.78 28.34
CA LYS A 142 -22.30 -23.11 28.66
C LYS A 142 -21.87 -23.81 27.39
N ASN A 143 -20.79 -24.58 27.49
CA ASN A 143 -20.23 -25.29 26.34
C ASN A 143 -21.17 -26.43 25.98
N ASP A 144 -22.01 -26.21 24.96
CA ASP A 144 -22.92 -27.24 24.49
C ASP A 144 -22.23 -28.30 23.64
N PHE A 145 -20.97 -28.11 23.29
CA PHE A 145 -20.23 -29.13 22.55
C PHE A 145 -20.00 -30.37 23.41
N THR A 146 -20.17 -31.53 22.80
CA THR A 146 -19.71 -32.77 23.39
C THR A 146 -18.23 -32.97 23.05
N GLU A 147 -17.66 -34.08 23.51
CA GLU A 147 -16.28 -34.39 23.15
C GLU A 147 -16.14 -34.66 21.66
N GLU A 148 -17.12 -35.36 21.07
CA GLU A 148 -17.10 -35.61 19.63
C GLU A 148 -17.20 -34.31 18.85
N GLU A 149 -18.11 -33.41 19.25
CA GLU A 149 -18.26 -32.14 18.55
C GLU A 149 -17.04 -31.25 18.73
N GLU A 150 -16.45 -31.25 19.93
CA GLU A 150 -15.24 -30.48 20.16
C GLU A 150 -14.09 -30.99 19.31
N ALA A 151 -13.93 -32.31 19.22
CA ALA A 151 -12.90 -32.87 18.36
C ALA A 151 -13.17 -32.55 16.90
N GLN A 152 -14.44 -32.59 16.48
CA GLN A 152 -14.78 -32.28 15.10
C GLN A 152 -14.45 -30.83 14.75
N VAL A 153 -14.80 -29.89 15.63
CA VAL A 153 -14.54 -28.49 15.35
C VAL A 153 -13.05 -28.19 15.45
N ARG A 154 -12.32 -28.88 16.34
CA ARG A 154 -10.87 -28.72 16.39
C ARG A 154 -10.22 -29.22 15.11
N LYS A 155 -10.66 -30.37 14.60
CA LYS A 155 -10.13 -30.88 13.34
C LYS A 155 -10.47 -29.96 12.18
N GLU A 156 -11.66 -29.36 12.21
CA GLU A 156 -12.06 -28.44 11.14
C GLU A 156 -11.22 -27.15 11.17
N ASN A 157 -10.94 -26.63 12.35
CA ASN A 157 -10.32 -25.31 12.46
C ASN A 157 -8.89 -25.33 13.01
N GLN A 158 -8.22 -26.49 12.94
CA GLN A 158 -6.84 -26.58 13.40
C GLN A 158 -5.88 -26.05 12.33
N TRP A 159 -6.16 -24.83 11.88
CA TRP A 159 -5.32 -24.23 10.80
C TRP A 159 -4.83 -22.86 11.25
N CYS A 160 -5.69 -22.06 11.88
CA CYS A 160 -5.22 -20.77 12.45
C CYS A 160 -4.23 -21.10 13.58
N GLU A 161 -4.37 -22.29 14.18
CA GLU A 161 -3.43 -22.70 15.25
C GLU A 161 -1.99 -22.60 14.72
N GLU A 162 -1.08 -22.06 15.53
CA GLU A 162 0.33 -21.89 15.11
C GLU A 162 1.22 -22.68 16.08
N PRO B 7 -30.84 -12.73 32.19
CA PRO B 7 -31.40 -13.97 31.64
C PRO B 7 -31.27 -14.04 30.12
N LEU B 8 -30.97 -12.91 29.49
CA LEU B 8 -30.77 -12.84 28.05
C LEU B 8 -29.30 -12.60 27.78
N THR B 9 -28.69 -13.48 26.98
CA THR B 9 -27.26 -13.47 26.75
C THR B 9 -26.95 -13.27 25.27
N LEU B 10 -25.68 -13.41 24.91
CA LEU B 10 -25.24 -13.19 23.53
C LEU B 10 -25.80 -14.25 22.60
N GLU B 11 -25.91 -15.50 23.06
CA GLU B 11 -26.47 -16.55 22.23
C GLU B 11 -27.95 -16.32 21.95
N SER B 12 -28.66 -15.66 22.87
CA SER B 12 -30.09 -15.43 22.71
C SER B 12 -30.40 -14.32 21.72
N LEU B 13 -29.40 -13.60 21.23
CA LEU B 13 -29.64 -12.55 20.25
C LEU B 13 -30.10 -13.16 18.93
N PRO B 14 -30.84 -12.40 18.11
CA PRO B 14 -31.29 -12.94 16.83
C PRO B 14 -30.16 -13.10 15.83
N THR B 15 -30.48 -13.68 14.67
CA THR B 15 -29.45 -13.98 13.69
C THR B 15 -28.83 -12.71 13.12
N ASP B 16 -29.65 -11.70 12.83
CA ASP B 16 -29.13 -10.52 12.14
C ASP B 16 -28.24 -9.64 13.03
N PRO B 17 -28.63 -9.27 14.26
CA PRO B 17 -27.66 -8.54 15.10
C PRO B 17 -26.42 -9.33 15.42
N LEU B 18 -26.51 -10.65 15.56
CA LEU B 18 -25.32 -11.45 15.80
C LEU B 18 -24.42 -11.47 14.59
N LEU B 19 -25.00 -11.51 13.39
CA LEU B 19 -24.19 -11.43 12.18
C LEU B 19 -23.53 -10.07 12.06
N LEU B 20 -24.23 -9.00 12.44
CA LEU B 20 -23.62 -7.68 12.43
C LEU B 20 -22.49 -7.58 13.45
N ILE B 21 -22.65 -8.23 14.61
CA ILE B 21 -21.59 -8.25 15.61
C ILE B 21 -20.38 -8.99 15.08
N LEU B 22 -20.60 -10.17 14.50
CA LEU B 22 -19.48 -10.98 14.02
C LEU B 22 -18.83 -10.39 12.77
N SER B 23 -19.51 -9.49 12.05
CA SER B 23 -18.89 -8.88 10.89
C SER B 23 -17.75 -7.95 11.29
N PHE B 24 -17.83 -7.35 12.48
CA PHE B 24 -16.77 -6.47 12.94
C PHE B 24 -15.58 -7.21 13.51
N LEU B 25 -15.72 -8.51 13.79
CA LEU B 25 -14.61 -9.27 14.34
C LEU B 25 -13.57 -9.55 13.28
N ASP B 26 -12.36 -9.86 13.74
CA ASP B 26 -11.27 -10.22 12.85
C ASP B 26 -11.26 -11.73 12.62
N TYR B 27 -10.45 -12.17 11.67
CA TYR B 27 -10.50 -13.56 11.21
C TYR B 27 -10.12 -14.53 12.33
N ARG B 28 -9.10 -14.18 13.12
CA ARG B 28 -8.72 -15.01 14.25
C ARG B 28 -9.82 -15.06 15.29
N ASP B 29 -10.58 -13.98 15.44
CA ASP B 29 -11.70 -13.98 16.36
C ASP B 29 -12.88 -14.77 15.82
N LEU B 30 -13.10 -14.73 14.50
CA LEU B 30 -14.17 -15.54 13.90
C LEU B 30 -13.88 -17.02 14.05
N ILE B 31 -12.63 -17.44 13.81
CA ILE B 31 -12.25 -18.82 14.11
C ILE B 31 -12.34 -19.09 15.61
N ASN B 32 -11.97 -18.11 16.41
CA ASN B 32 -12.03 -18.25 17.86
C ASN B 32 -13.47 -18.37 18.35
N CYS B 33 -14.42 -17.79 17.63
CA CYS B 33 -15.83 -17.98 17.99
C CYS B 33 -16.36 -19.35 17.60
N CYS B 34 -15.65 -20.10 16.74
CA CYS B 34 -16.14 -21.42 16.37
C CYS B 34 -16.06 -22.40 17.53
N TYR B 35 -15.14 -22.18 18.46
CA TYR B 35 -15.02 -23.04 19.63
C TYR B 35 -15.92 -22.61 20.78
N VAL B 36 -16.59 -21.46 20.67
CA VAL B 36 -17.35 -20.93 21.79
C VAL B 36 -18.64 -21.71 21.98
N SER B 37 -19.52 -21.67 20.99
CA SER B 37 -20.82 -22.32 21.10
C SER B 37 -21.28 -22.76 19.73
N ARG B 38 -22.28 -23.65 19.74
CA ARG B 38 -22.79 -24.22 18.49
C ARG B 38 -23.41 -23.16 17.61
N ARG B 39 -24.18 -22.24 18.20
CA ARG B 39 -24.78 -21.16 17.41
C ARG B 39 -23.72 -20.25 16.84
N LEU B 40 -22.72 -19.89 17.64
CA LEU B 40 -21.64 -19.03 17.15
C LEU B 40 -20.77 -19.77 16.14
N SER B 41 -20.63 -21.10 16.28
CA SER B 41 -19.90 -21.88 15.29
C SER B 41 -20.65 -21.91 13.96
N GLN B 42 -21.97 -22.07 14.01
CA GLN B 42 -22.76 -22.05 12.77
C GLN B 42 -22.72 -20.68 12.13
N LEU B 43 -22.81 -19.61 12.91
CA LEU B 43 -22.85 -18.27 12.36
C LEU B 43 -21.49 -17.75 11.94
N SER B 44 -20.40 -18.32 12.45
CA SER B 44 -19.07 -17.90 12.03
C SER B 44 -18.73 -18.41 10.65
N SER B 45 -19.31 -19.54 10.24
CA SER B 45 -19.09 -20.10 8.92
C SER B 45 -19.99 -19.48 7.86
N HIS B 46 -20.62 -18.36 8.17
CA HIS B 46 -21.43 -17.63 7.19
C HIS B 46 -20.51 -17.09 6.10
N ASP B 47 -20.87 -17.37 4.85
CA ASP B 47 -19.98 -17.04 3.73
C ASP B 47 -19.72 -15.55 3.55
N PRO B 48 -20.69 -14.62 3.64
CA PRO B 48 -20.34 -13.20 3.58
C PRO B 48 -19.39 -12.75 4.67
N LEU B 49 -19.42 -13.39 5.84
CA LEU B 49 -18.49 -13.02 6.91
C LEU B 49 -17.05 -13.23 6.49
N TRP B 50 -16.77 -14.25 5.70
CA TRP B 50 -15.42 -14.39 5.12
C TRP B 50 -15.34 -13.70 3.77
N ARG B 51 -15.83 -12.49 3.71
CA ARG B 51 -15.73 -11.68 2.51
C ARG B 51 -15.05 -10.35 2.78
N ARG B 52 -15.33 -9.77 3.95
CA ARG B 52 -14.50 -8.66 4.44
C ARG B 52 -13.10 -9.16 4.76
N HIS B 53 -12.99 -10.42 5.19
CA HIS B 53 -11.71 -11.01 5.57
C HIS B 53 -10.95 -11.62 4.40
N CYS B 54 -11.57 -11.73 3.23
CA CYS B 54 -10.89 -12.30 2.08
C CYS B 54 -10.69 -11.30 0.94
N LYS B 55 -11.53 -10.26 0.87
CA LYS B 55 -11.33 -9.23 -0.14
C LYS B 55 -10.33 -8.16 0.30
N LYS B 56 -9.80 -8.27 1.51
CA LYS B 56 -8.80 -7.31 1.99
C LYS B 56 -7.51 -7.99 2.42
N TYR B 57 -7.59 -9.18 3.01
CA TYR B 57 -6.37 -9.86 3.45
C TYR B 57 -5.62 -10.50 2.28
N TRP B 58 -6.33 -11.01 1.28
CA TRP B 58 -5.69 -11.60 0.11
C TRP B 58 -6.02 -10.88 -1.19
N LEU B 59 -6.87 -9.85 -1.15
CA LEU B 59 -7.29 -9.09 -2.33
C LEU B 59 -7.93 -9.98 -3.39
N ILE B 60 -8.63 -11.02 -2.97
CA ILE B 60 -9.31 -11.92 -3.88
C ILE B 60 -10.66 -11.29 -4.25
N SER B 61 -10.78 -10.86 -5.50
CA SER B 61 -11.99 -10.16 -5.93
C SER B 61 -13.10 -11.16 -6.25
N GLU B 62 -14.24 -10.63 -6.71
CA GLU B 62 -15.38 -11.47 -7.04
C GLU B 62 -15.07 -12.39 -8.20
N GLU B 63 -14.35 -11.88 -9.20
CA GLU B 63 -14.08 -12.66 -10.40
C GLU B 63 -13.21 -13.89 -10.10
N GLU B 64 -12.26 -13.75 -9.18
CA GLU B 64 -11.46 -14.90 -8.77
C GLU B 64 -12.31 -15.94 -8.08
N LYS B 65 -13.27 -15.51 -7.26
CA LYS B 65 -14.19 -16.47 -6.63
C LYS B 65 -15.02 -17.19 -7.67
N THR B 66 -15.59 -16.46 -8.63
CA THR B 66 -16.43 -17.08 -9.64
C THR B 66 -15.62 -18.04 -10.52
N GLN B 67 -14.37 -17.69 -10.80
CA GLN B 67 -13.51 -18.59 -11.55
C GLN B 67 -13.18 -19.84 -10.75
N LYS B 68 -12.95 -19.70 -9.45
CA LYS B 68 -12.64 -20.85 -8.61
C LYS B 68 -13.89 -21.50 -8.02
N ASN B 69 -15.07 -20.92 -8.22
CA ASN B 69 -16.40 -21.45 -7.87
C ASN B 69 -16.51 -21.94 -6.43
N GLN B 70 -15.64 -21.46 -5.54
CA GLN B 70 -15.65 -21.89 -4.16
C GLN B 70 -16.35 -20.87 -3.28
N CYS B 71 -16.86 -21.35 -2.14
CA CYS B 71 -17.41 -20.44 -1.16
C CYS B 71 -16.29 -19.66 -0.48
N TRP B 72 -16.66 -18.59 0.21
CA TRP B 72 -15.69 -17.62 0.68
C TRP B 72 -14.79 -18.20 1.78
N LYS B 73 -15.36 -18.95 2.72
CA LYS B 73 -14.53 -19.56 3.77
C LYS B 73 -13.59 -20.59 3.18
N SER B 74 -14.04 -21.33 2.16
CA SER B 74 -13.15 -22.28 1.49
C SER B 74 -12.01 -21.57 0.79
N LEU B 75 -12.29 -20.43 0.15
CA LEU B 75 -11.23 -19.63 -0.44
C LEU B 75 -10.24 -19.17 0.60
N PHE B 76 -10.74 -18.71 1.76
CA PHE B 76 -9.85 -18.21 2.80
C PHE B 76 -8.98 -19.33 3.37
N ILE B 77 -9.54 -20.50 3.62
CA ILE B 77 -8.73 -21.59 4.16
C ILE B 77 -7.73 -22.10 3.12
N ASP B 78 -8.14 -22.15 1.84
CA ASP B 78 -7.20 -22.56 0.80
C ASP B 78 -6.04 -21.57 0.67
N THR B 79 -6.33 -20.28 0.83
CA THR B 79 -5.25 -19.29 0.74
C THR B 79 -4.38 -19.32 1.99
N TYR B 80 -4.97 -19.55 3.16
CA TYR B 80 -4.17 -19.58 4.38
C TYR B 80 -3.32 -20.84 4.46
N SER B 81 -3.73 -21.91 3.78
CA SER B 81 -2.88 -23.10 3.70
C SER B 81 -1.69 -22.90 2.78
N ASP B 82 -1.64 -21.80 2.04
CA ASP B 82 -0.59 -21.56 1.06
C ASP B 82 0.30 -20.39 1.45
N VAL B 83 -0.27 -19.20 1.64
CA VAL B 83 0.52 -18.01 1.96
C VAL B 83 0.08 -17.46 3.30
N GLY B 84 -0.37 -18.35 4.19
CA GLY B 84 -0.99 -17.90 5.43
C GLY B 84 -0.05 -17.18 6.36
N ARG B 85 1.16 -17.72 6.56
CA ARG B 85 2.07 -17.15 7.54
C ARG B 85 2.59 -15.78 7.14
N TYR B 86 2.39 -15.35 5.90
CA TYR B 86 2.68 -13.99 5.47
C TYR B 86 1.43 -13.12 5.42
N ILE B 87 0.46 -13.41 6.30
CA ILE B 87 -0.89 -12.84 6.18
C ILE B 87 -0.87 -11.32 6.35
N ASP B 88 0.06 -10.79 7.14
CA ASP B 88 0.13 -9.36 7.35
C ASP B 88 1.00 -8.64 6.33
N HIS B 89 1.57 -9.37 5.37
CA HIS B 89 2.33 -8.76 4.29
C HIS B 89 1.71 -8.94 2.92
N TYR B 90 1.03 -10.07 2.69
CA TYR B 90 0.50 -10.41 1.37
C TYR B 90 -0.39 -9.31 0.82
N ALA B 91 -1.30 -8.81 1.66
CA ALA B 91 -2.26 -7.77 1.26
C ALA B 91 -1.56 -6.52 0.73
N ALA B 92 -0.33 -6.27 1.14
CA ALA B 92 0.42 -5.20 0.52
C ALA B 92 1.11 -5.66 -0.75
N ILE B 93 1.87 -6.76 -0.66
CA ILE B 93 2.84 -7.09 -1.70
C ILE B 93 2.14 -7.45 -3.01
N LYS B 94 1.11 -8.30 -2.94
CA LYS B 94 0.34 -8.62 -4.13
C LYS B 94 -0.29 -7.37 -4.72
N LYS B 95 -0.72 -6.43 -3.87
CA LYS B 95 -1.25 -5.17 -4.37
C LYS B 95 -0.24 -4.44 -5.22
N ALA B 96 1.04 -4.53 -4.86
CA ALA B 96 2.09 -4.04 -5.76
C ALA B 96 2.26 -4.98 -6.94
N TRP B 97 2.32 -6.29 -6.68
CA TRP B 97 2.66 -7.24 -7.74
C TRP B 97 1.56 -7.34 -8.78
N ASP B 98 0.31 -7.21 -8.36
CA ASP B 98 -0.79 -7.16 -9.31
C ASP B 98 -0.97 -5.79 -9.93
N ASP B 99 -0.24 -4.78 -9.46
CA ASP B 99 -0.28 -3.47 -10.11
C ASP B 99 0.83 -3.35 -11.15
N LEU B 100 2.05 -3.73 -10.78
CA LEU B 100 3.15 -3.74 -11.73
C LEU B 100 2.87 -4.68 -12.90
N LYS B 101 2.22 -5.81 -12.64
CA LYS B 101 1.82 -6.70 -13.71
C LYS B 101 0.60 -6.21 -14.48
N LYS B 102 -0.09 -5.20 -13.96
CA LYS B 102 -1.19 -4.59 -14.72
C LYS B 102 -0.72 -3.43 -15.59
N TYR B 103 0.07 -2.52 -15.00
CA TYR B 103 0.57 -1.37 -15.74
C TYR B 103 1.48 -1.79 -16.89
N LEU B 104 2.11 -2.95 -16.78
CA LEU B 104 2.96 -3.48 -17.82
C LEU B 104 2.18 -4.29 -18.87
N GLU B 105 0.87 -4.40 -18.72
CA GLU B 105 0.11 -5.18 -19.70
C GLU B 105 -0.13 -4.39 -20.99
N PRO B 106 -0.61 -3.12 -20.96
CA PRO B 106 -0.59 -2.35 -22.21
C PRO B 106 0.78 -1.78 -22.53
N ARG B 107 1.64 -1.65 -21.54
CA ARG B 107 3.01 -1.22 -21.71
C ARG B 107 3.87 -2.47 -21.99
N CYS B 108 5.18 -2.36 -21.80
CA CYS B 108 6.20 -3.36 -22.12
C CYS B 108 5.79 -4.78 -21.73
N PRO B 109 5.49 -5.64 -22.71
CA PRO B 109 4.92 -6.95 -22.39
C PRO B 109 5.95 -8.05 -22.23
N ARG B 110 7.19 -7.79 -22.65
CA ARG B 110 8.20 -8.85 -22.57
C ARG B 110 8.65 -9.09 -21.14
N MET B 111 8.55 -8.08 -20.27
CA MET B 111 9.04 -8.23 -18.91
C MET B 111 8.14 -9.15 -18.08
N VAL B 112 6.83 -8.96 -18.18
CA VAL B 112 5.90 -9.82 -17.45
C VAL B 112 5.90 -11.23 -18.04
N LEU B 113 6.12 -11.35 -19.35
CA LEU B 113 6.24 -12.68 -19.95
C LEU B 113 7.52 -13.37 -19.51
N SER B 114 8.55 -12.59 -19.17
CA SER B 114 9.77 -13.18 -18.65
C SER B 114 9.63 -13.66 -17.21
N LEU B 115 8.60 -13.19 -16.51
CA LEU B 115 8.43 -13.52 -15.10
C LEU B 115 8.13 -15.00 -14.91
N LYS B 116 8.79 -15.62 -13.93
CA LYS B 116 8.50 -17.00 -13.59
C LYS B 116 7.21 -17.07 -12.79
N GLU B 117 6.79 -18.30 -12.51
CA GLU B 117 5.62 -18.51 -11.65
C GLU B 117 6.06 -18.49 -10.20
N GLY B 118 5.15 -18.85 -9.29
CA GLY B 118 5.47 -18.79 -7.88
C GLY B 118 6.52 -19.83 -7.50
N ALA B 119 7.30 -19.49 -6.49
CA ALA B 119 8.32 -20.39 -5.95
C ALA B 119 7.75 -21.05 -4.70
N ARG B 120 7.67 -22.37 -4.71
CA ARG B 120 7.08 -23.11 -3.61
C ARG B 120 7.96 -22.99 -2.35
N GLU B 121 7.36 -23.33 -1.22
CA GLU B 121 8.05 -23.18 0.07
C GLU B 121 9.24 -24.11 0.20
N GLU B 122 9.30 -25.19 -0.58
CA GLU B 122 10.44 -26.09 -0.54
C GLU B 122 11.70 -25.38 -1.03
N ASP B 123 11.59 -24.61 -2.11
CA ASP B 123 12.75 -23.88 -2.64
C ASP B 123 13.24 -22.82 -1.66
N LEU B 124 12.32 -22.10 -1.03
CA LEU B 124 12.72 -21.07 -0.08
C LEU B 124 13.30 -21.67 1.19
N ASP B 125 12.77 -22.81 1.62
CA ASP B 125 13.36 -23.51 2.75
C ASP B 125 14.76 -24.01 2.42
N ALA B 126 14.96 -24.49 1.19
CA ALA B 126 16.30 -24.88 0.74
C ALA B 126 17.24 -23.69 0.73
N VAL B 127 16.74 -22.52 0.32
CA VAL B 127 17.55 -21.30 0.32
C VAL B 127 17.94 -20.93 1.75
N GLU B 128 16.98 -21.02 2.68
CA GLU B 128 17.26 -20.68 4.07
C GLU B 128 18.26 -21.67 4.68
N ALA B 129 18.17 -22.95 4.32
CA ALA B 129 19.15 -23.92 4.78
C ALA B 129 20.52 -23.67 4.17
N GLN B 130 20.56 -23.22 2.92
CA GLN B 130 21.84 -22.99 2.25
C GLN B 130 22.55 -21.78 2.83
N ILE B 131 21.83 -20.66 3.00
CA ILE B 131 22.48 -19.44 3.46
C ILE B 131 22.70 -19.44 4.97
N GLY B 132 22.01 -20.30 5.70
CA GLY B 132 22.17 -20.37 7.14
C GLY B 132 21.44 -19.29 7.91
N CYS B 133 20.67 -18.44 7.25
CA CYS B 133 19.94 -17.37 7.91
C CYS B 133 18.48 -17.42 7.48
N LYS B 134 17.65 -16.61 8.13
CA LYS B 134 16.23 -16.57 7.86
C LYS B 134 15.89 -15.38 6.98
N LEU B 135 15.24 -15.66 5.86
CA LEU B 135 14.79 -14.61 4.97
C LEU B 135 13.67 -13.80 5.63
N PRO B 136 13.55 -12.51 5.29
CA PRO B 136 12.41 -11.74 5.80
C PRO B 136 11.09 -12.31 5.30
N ASP B 137 10.07 -12.25 6.16
CA ASP B 137 8.79 -12.87 5.83
C ASP B 137 8.13 -12.20 4.64
N ASP B 138 8.21 -10.88 4.56
CA ASP B 138 7.65 -10.17 3.41
C ASP B 138 8.41 -10.51 2.13
N TYR B 139 9.73 -10.65 2.23
CA TYR B 139 10.52 -11.09 1.09
C TYR B 139 10.12 -12.47 0.64
N ARG B 140 9.87 -13.37 1.60
CA ARG B 140 9.40 -14.71 1.27
C ARG B 140 8.05 -14.66 0.57
N CYS B 141 7.16 -13.80 1.04
CA CYS B 141 5.85 -13.67 0.38
C CYS B 141 5.98 -13.13 -1.03
N SER B 142 6.82 -12.12 -1.23
CA SER B 142 6.99 -11.52 -2.54
C SER B 142 7.59 -12.50 -3.53
N TYR B 143 8.55 -13.31 -3.08
CA TYR B 143 9.08 -14.33 -3.97
C TYR B 143 8.17 -15.55 -4.05
N ARG B 144 7.22 -15.68 -3.14
CA ARG B 144 6.20 -16.71 -3.27
C ARG B 144 5.21 -16.37 -4.36
N ILE B 145 4.84 -15.09 -4.47
CA ILE B 145 3.93 -14.68 -5.55
C ILE B 145 4.62 -14.82 -6.90
N HIS B 146 5.89 -14.44 -6.98
CA HIS B 146 6.63 -14.54 -8.23
C HIS B 146 8.10 -14.76 -7.91
N ASN B 147 8.69 -15.78 -8.55
CA ASN B 147 10.11 -16.07 -8.37
C ASN B 147 11.00 -15.11 -9.16
N GLY B 148 10.45 -14.02 -9.66
CA GLY B 148 11.22 -13.13 -10.51
C GLY B 148 11.22 -13.59 -11.94
N GLN B 149 12.36 -13.40 -12.60
CA GLN B 149 12.48 -13.75 -14.00
C GLN B 149 13.84 -14.38 -14.23
N LYS B 150 13.92 -15.17 -15.30
CA LYS B 150 15.21 -15.65 -15.77
C LYS B 150 16.02 -14.49 -16.33
N LEU B 151 17.31 -14.73 -16.53
CA LEU B 151 18.22 -13.64 -16.86
C LEU B 151 18.00 -13.14 -18.28
N VAL B 152 17.07 -12.20 -18.44
CA VAL B 152 16.74 -11.60 -19.73
C VAL B 152 16.83 -10.10 -19.59
N VAL B 153 17.57 -9.46 -20.49
CA VAL B 153 17.62 -8.01 -20.60
C VAL B 153 16.45 -7.57 -21.49
N PRO B 154 15.65 -6.56 -21.10
CA PRO B 154 15.74 -5.70 -19.91
C PRO B 154 15.16 -6.34 -18.66
N GLY B 155 15.46 -5.76 -17.50
CA GLY B 155 15.02 -6.30 -16.24
C GLY B 155 13.73 -5.67 -15.74
N LEU B 156 13.35 -6.06 -14.53
CA LEU B 156 12.11 -5.62 -13.92
C LEU B 156 12.30 -4.46 -12.96
N LEU B 157 13.49 -4.29 -12.39
CA LEU B 157 13.74 -3.23 -11.43
C LEU B 157 14.38 -2.01 -12.06
N GLY B 158 14.06 -1.71 -13.31
CA GLY B 158 14.53 -0.50 -13.93
C GLY B 158 15.82 -0.71 -14.70
N SER B 159 16.19 0.30 -15.47
CA SER B 159 17.40 0.26 -16.28
C SER B 159 17.91 1.68 -16.45
N MET B 160 19.19 1.78 -16.82
CA MET B 160 19.79 3.08 -17.07
C MET B 160 20.75 2.99 -18.25
N ALA B 161 20.61 3.92 -19.19
CA ALA B 161 21.35 3.88 -20.46
C ALA B 161 22.07 5.21 -20.66
N LEU B 162 23.40 5.16 -20.56
CA LEU B 162 24.25 6.27 -20.94
C LEU B 162 24.67 6.09 -22.39
N SER B 163 25.58 6.94 -22.88
CA SER B 163 26.14 6.73 -24.21
C SER B 163 27.01 5.48 -24.26
N ASN B 164 27.72 5.19 -23.18
CA ASN B 164 28.63 4.05 -23.11
C ASN B 164 28.27 3.05 -22.03
N HIS B 165 27.79 3.52 -20.88
CA HIS B 165 27.51 2.66 -19.73
C HIS B 165 26.03 2.34 -19.69
N TYR B 166 25.67 1.11 -19.99
CA TYR B 166 24.28 0.65 -20.00
C TYR B 166 24.03 -0.23 -18.80
N ARG B 167 23.00 0.09 -18.03
CA ARG B 167 22.61 -0.66 -16.85
C ARG B 167 21.20 -1.21 -17.03
N SER B 168 21.01 -2.46 -16.64
CA SER B 168 19.68 -3.06 -16.63
C SER B 168 19.70 -4.17 -15.60
N GLU B 169 18.85 -4.05 -14.58
CA GLU B 169 18.83 -4.97 -13.47
C GLU B 169 17.54 -5.77 -13.47
N ASP B 170 17.67 -7.10 -13.43
CA ASP B 170 16.52 -8.00 -13.42
C ASP B 170 16.42 -8.70 -12.07
N LEU B 171 15.20 -8.89 -11.60
CA LEU B 171 14.99 -9.44 -10.28
C LEU B 171 15.47 -10.89 -10.24
N LEU B 172 16.18 -11.24 -9.19
CA LEU B 172 16.86 -12.52 -9.10
C LEU B 172 15.96 -13.55 -8.44
N ASP B 173 16.08 -14.79 -8.89
CA ASP B 173 15.31 -15.89 -8.32
C ASP B 173 15.90 -16.29 -6.97
N VAL B 174 15.20 -17.21 -6.28
CA VAL B 174 15.66 -17.65 -4.97
C VAL B 174 16.97 -18.42 -5.07
N ASP B 175 17.10 -19.30 -6.06
CA ASP B 175 18.27 -20.16 -6.14
C ASP B 175 19.52 -19.38 -6.52
N THR B 176 19.39 -18.46 -7.49
CA THR B 176 20.54 -17.64 -7.86
C THR B 176 20.90 -16.67 -6.74
N ALA B 177 19.91 -16.21 -5.96
CA ALA B 177 20.22 -15.38 -4.80
C ALA B 177 20.99 -16.16 -3.76
N ALA B 178 20.60 -17.42 -3.52
CA ALA B 178 21.35 -18.26 -2.60
C ALA B 178 22.76 -18.53 -3.11
N GLY B 179 22.91 -18.74 -4.41
CA GLY B 179 24.24 -18.96 -4.98
C GLY B 179 25.12 -17.72 -4.88
N GLY B 180 24.53 -16.55 -5.06
CA GLY B 180 25.21 -15.28 -4.95
C GLY B 180 25.17 -14.65 -3.57
N PHE B 181 24.74 -15.39 -2.56
CA PHE B 181 24.73 -14.87 -1.20
C PHE B 181 26.16 -14.63 -0.72
N GLN B 182 26.34 -13.56 0.05
CA GLN B 182 27.66 -13.13 0.50
C GLN B 182 27.71 -13.11 2.02
N GLN B 183 28.82 -13.61 2.57
CA GLN B 183 29.03 -13.62 4.02
C GLN B 183 30.41 -13.11 4.40
N ARG B 184 31.14 -12.49 3.46
CA ARG B 184 32.50 -12.03 3.73
C ARG B 184 32.48 -10.83 4.67
N GLN B 185 33.68 -10.46 5.13
CA GLN B 185 33.82 -9.29 6.00
C GLN B 185 33.42 -8.03 5.26
N GLY B 186 32.68 -7.15 5.95
CA GLY B 186 32.07 -6.03 5.28
C GLY B 186 30.64 -6.37 4.87
N LEU B 187 30.46 -6.79 3.62
CA LEU B 187 29.16 -7.27 3.15
C LEU B 187 28.91 -8.65 3.74
N LYS B 188 28.51 -8.66 5.00
CA LYS B 188 28.21 -9.89 5.73
C LYS B 188 26.71 -10.07 5.84
N TYR B 189 26.24 -11.28 5.55
CA TYR B 189 24.82 -11.65 5.58
C TYR B 189 24.00 -10.71 4.70
N CYS B 190 24.49 -10.46 3.50
CA CYS B 190 23.80 -9.65 2.50
C CYS B 190 23.38 -10.54 1.35
N LEU B 191 22.16 -10.35 0.87
CA LEU B 191 21.60 -11.20 -0.17
C LEU B 191 21.17 -10.36 -1.36
N PRO B 192 21.48 -10.79 -2.59
CA PRO B 192 21.16 -9.97 -3.75
C PRO B 192 19.70 -10.10 -4.17
N LEU B 193 19.11 -8.96 -4.52
CA LEU B 193 17.77 -8.93 -5.08
C LEU B 193 17.77 -8.71 -6.58
N THR B 194 18.91 -8.37 -7.18
CA THR B 194 18.98 -8.21 -8.61
C THR B 194 20.41 -8.38 -9.09
N PHE B 195 20.55 -8.56 -10.39
CA PHE B 195 21.84 -8.64 -11.05
C PHE B 195 21.74 -7.85 -12.34
N CYS B 196 22.89 -7.44 -12.87
CA CYS B 196 22.90 -6.58 -14.05
C CYS B 196 23.46 -7.22 -15.29
N ILE B 197 24.31 -8.26 -15.14
CA ILE B 197 24.96 -8.97 -16.24
C ILE B 197 25.88 -8.04 -17.04
N HIS B 198 25.33 -6.95 -17.58
CA HIS B 198 26.14 -5.98 -18.30
C HIS B 198 27.22 -5.37 -17.42
N THR B 199 26.84 -4.90 -16.23
CA THR B 199 27.76 -4.15 -15.39
C THR B 199 28.12 -4.89 -14.11
N GLY B 200 27.13 -5.42 -13.39
CA GLY B 200 27.42 -6.13 -12.17
C GLY B 200 26.81 -5.48 -10.94
N LEU B 201 25.72 -4.75 -11.13
CA LEU B 201 25.01 -4.17 -10.02
C LEU B 201 24.34 -5.25 -9.19
N SER B 202 24.37 -5.08 -7.87
CA SER B 202 23.77 -6.04 -6.95
C SER B 202 23.05 -5.27 -5.85
N GLN B 203 21.78 -4.97 -6.07
CA GLN B 203 20.95 -4.25 -5.11
C GLN B 203 20.66 -5.18 -3.94
N TYR B 204 21.64 -5.28 -3.05
CA TYR B 204 21.61 -6.27 -1.98
C TYR B 204 20.51 -5.96 -0.96
N ILE B 205 20.16 -6.98 -0.18
CA ILE B 205 19.33 -6.84 1.00
C ILE B 205 20.06 -7.53 2.15
N ALA B 206 19.82 -7.05 3.36
CA ALA B 206 20.49 -7.57 4.55
C ALA B 206 19.53 -8.52 5.25
N VAL B 207 19.80 -9.83 5.14
CA VAL B 207 18.98 -10.81 5.84
C VAL B 207 19.30 -10.93 7.31
N GLU B 208 20.39 -10.30 7.76
CA GLU B 208 20.74 -10.27 9.17
C GLU B 208 21.37 -8.93 9.50
N ALA B 209 20.96 -8.35 10.62
CA ALA B 209 21.47 -7.04 11.04
C ALA B 209 22.92 -7.18 11.47
N ALA B 210 23.83 -6.73 10.62
CA ALA B 210 25.25 -6.81 10.94
C ALA B 210 26.00 -5.74 10.15
N GLU B 211 27.19 -5.41 10.65
CA GLU B 211 28.14 -4.51 9.99
C GLU B 211 27.54 -3.15 9.67
N GLY B 212 26.90 -2.54 10.67
CA GLY B 212 26.35 -1.21 10.51
C GLY B 212 25.02 -1.14 9.80
N ARG B 213 24.41 -2.28 9.47
CA ARG B 213 23.12 -2.32 8.79
C ARG B 213 22.07 -2.87 9.72
N ASN B 214 20.95 -2.16 9.85
CA ASN B 214 19.78 -2.75 10.48
C ASN B 214 19.18 -3.80 9.55
N LYS B 215 18.50 -4.77 10.16
CA LYS B 215 18.00 -5.92 9.42
C LYS B 215 16.93 -5.50 8.41
N ASN B 216 16.94 -6.18 7.26
CA ASN B 216 15.99 -5.96 6.17
C ASN B 216 16.07 -4.54 5.63
N GLU B 217 17.26 -4.18 5.14
CA GLU B 217 17.47 -2.91 4.46
C GLU B 217 18.00 -3.18 3.06
N VAL B 218 17.67 -2.28 2.13
CA VAL B 218 17.97 -2.48 0.72
C VAL B 218 18.98 -1.43 0.30
N PHE B 219 20.13 -1.87 -0.21
CA PHE B 219 21.22 -0.96 -0.52
C PHE B 219 21.96 -1.41 -1.76
N TYR B 220 22.59 -0.46 -2.43
CA TYR B 220 23.51 -0.75 -3.51
C TYR B 220 24.89 -1.09 -2.94
N GLN B 221 25.75 -1.59 -3.82
CA GLN B 221 27.11 -1.97 -3.45
C GLN B 221 28.07 -0.97 -4.06
N CYS B 222 28.63 -0.10 -3.22
CA CYS B 222 29.58 0.93 -3.67
C CYS B 222 30.91 0.74 -2.96
N PRO B 223 31.92 0.20 -3.62
CA PRO B 223 33.18 -0.09 -2.94
C PRO B 223 33.95 1.18 -2.62
N ASP B 224 34.79 1.10 -1.60
CA ASP B 224 35.64 2.21 -1.18
C ASP B 224 36.90 2.20 -2.03
N GLN B 225 36.97 3.13 -2.98
CA GLN B 225 38.13 3.17 -3.87
C GLN B 225 39.38 3.64 -3.13
N MET B 226 39.24 4.60 -2.23
CA MET B 226 40.40 5.14 -1.51
C MET B 226 40.99 4.11 -0.55
N ALA B 227 40.14 3.47 0.26
CA ALA B 227 40.60 2.48 1.21
C ALA B 227 41.01 1.20 0.49
N ARG B 228 42.09 0.59 0.97
CA ARG B 228 42.57 -0.67 0.43
C ARG B 228 42.02 -1.88 1.19
N ASN B 229 41.20 -1.67 2.20
CA ASN B 229 40.63 -2.76 2.96
C ASN B 229 39.59 -3.50 2.11
N PRO B 230 39.72 -4.81 1.90
CA PRO B 230 38.70 -5.54 1.14
C PRO B 230 37.33 -5.55 1.80
N ALA B 231 37.25 -5.32 3.12
CA ALA B 231 36.00 -5.26 3.83
C ALA B 231 35.37 -3.87 3.81
N ALA B 232 36.01 -2.89 3.19
CA ALA B 232 35.51 -1.53 3.13
C ALA B 232 34.54 -1.41 1.96
N ILE B 233 33.25 -1.58 2.24
CA ILE B 233 32.20 -1.45 1.24
C ILE B 233 31.17 -0.46 1.75
N ASP B 234 30.90 0.57 0.97
CA ASP B 234 29.95 1.61 1.34
C ASP B 234 28.61 1.38 0.65
N MET B 235 27.55 1.86 1.29
CA MET B 235 26.18 1.50 0.94
C MET B 235 25.41 2.73 0.47
N PHE B 236 24.33 2.49 -0.25
CA PHE B 236 23.54 3.53 -0.90
C PHE B 236 22.05 3.28 -0.68
N ILE B 237 21.65 3.14 0.59
CA ILE B 237 20.33 2.70 1.06
C ILE B 237 19.19 3.28 0.23
N ILE B 238 18.31 2.41 -0.26
CA ILE B 238 17.24 2.82 -1.16
C ILE B 238 15.93 2.94 -0.40
N GLY B 239 15.49 1.83 0.21
CA GLY B 239 14.26 1.81 0.95
C GLY B 239 14.47 1.26 2.35
N ALA B 240 13.43 1.39 3.17
CA ALA B 240 13.53 0.97 4.56
C ALA B 240 13.58 -0.56 4.65
N THR B 241 12.52 -1.22 4.23
CA THR B 241 12.41 -2.68 4.23
C THR B 241 12.18 -3.17 2.81
N PHE B 242 12.07 -4.50 2.66
CA PHE B 242 11.77 -5.06 1.35
C PHE B 242 10.40 -4.62 0.86
N THR B 243 9.41 -4.61 1.75
CA THR B 243 8.09 -4.14 1.38
C THR B 243 8.13 -2.67 0.97
N ASP B 244 8.86 -1.84 1.73
CA ASP B 244 8.99 -0.44 1.38
C ASP B 244 9.69 -0.26 0.04
N TRP B 245 10.77 -1.02 -0.18
CA TRP B 245 11.53 -0.94 -1.42
C TRP B 245 10.67 -1.31 -2.63
N PHE B 246 10.02 -2.47 -2.56
CA PHE B 246 9.25 -2.93 -3.72
C PHE B 246 8.00 -2.09 -3.93
N THR B 247 7.30 -1.72 -2.86
CA THR B 247 6.10 -0.91 -3.03
C THR B 247 6.42 0.49 -3.52
N SER B 248 7.54 1.06 -3.07
CA SER B 248 7.97 2.35 -3.59
C SER B 248 8.31 2.25 -5.07
N TYR B 249 8.99 1.18 -5.46
CA TYR B 249 9.32 1.00 -6.87
C TYR B 249 8.06 0.83 -7.71
N VAL B 250 7.09 0.06 -7.21
CA VAL B 250 5.87 -0.17 -7.96
C VAL B 250 5.04 1.11 -8.06
N LYS B 251 5.00 1.90 -6.98
CA LYS B 251 4.33 3.19 -7.01
C LYS B 251 4.98 4.13 -8.02
N ASN B 252 6.31 4.14 -8.07
CA ASN B 252 7.02 4.95 -9.05
C ASN B 252 6.71 4.50 -10.47
N VAL B 253 6.66 3.19 -10.70
CA VAL B 253 6.42 2.69 -12.05
C VAL B 253 5.00 2.99 -12.51
N VAL B 254 4.01 2.72 -11.66
CA VAL B 254 2.62 2.89 -12.08
C VAL B 254 2.13 4.32 -11.96
N SER B 255 2.87 5.19 -11.28
CA SER B 255 2.47 6.60 -11.17
C SER B 255 3.04 7.46 -12.28
N GLY B 256 3.76 6.86 -13.22
CA GLY B 256 4.41 7.62 -14.28
C GLY B 256 5.72 8.25 -13.88
N GLY B 257 6.18 8.04 -12.65
CA GLY B 257 7.44 8.62 -12.23
C GLY B 257 8.63 8.01 -12.93
N PHE B 258 8.52 6.78 -13.39
CA PHE B 258 9.58 6.14 -14.15
C PHE B 258 9.16 6.09 -15.60
N PRO B 259 9.77 6.87 -16.49
CA PRO B 259 9.35 6.88 -17.89
C PRO B 259 9.70 5.57 -18.59
N ILE B 260 8.92 5.25 -19.60
CA ILE B 260 9.13 4.06 -20.43
C ILE B 260 9.86 4.50 -21.69
N ILE B 261 11.10 4.07 -21.82
CA ILE B 261 11.95 4.45 -22.95
C ILE B 261 12.58 3.18 -23.52
N ARG B 262 12.51 3.04 -24.86
CA ARG B 262 13.08 1.90 -25.57
C ARG B 262 12.48 0.58 -25.08
N ASP B 263 11.19 0.61 -24.75
CA ASP B 263 10.44 -0.54 -24.23
C ASP B 263 11.12 -1.13 -22.99
N GLN B 264 11.62 -0.25 -22.13
CA GLN B 264 12.18 -0.63 -20.84
C GLN B 264 11.61 0.28 -19.76
N ILE B 265 11.90 -0.06 -18.51
CA ILE B 265 11.63 0.79 -17.37
C ILE B 265 12.93 1.47 -16.98
N PHE B 266 12.90 2.81 -16.91
CA PHE B 266 14.09 3.59 -16.62
C PHE B 266 13.97 4.23 -15.24
N ARG B 267 15.10 4.38 -14.56
CA ARG B 267 15.12 4.94 -13.21
C ARG B 267 15.33 6.45 -13.25
N TYR B 268 14.50 7.13 -14.02
CA TYR B 268 14.60 8.58 -14.19
C TYR B 268 13.60 9.24 -13.23
N VAL B 269 14.12 9.73 -12.10
CA VAL B 269 13.31 10.44 -11.13
C VAL B 269 13.03 11.84 -11.66
N HIS B 270 11.83 12.03 -12.23
CA HIS B 270 11.46 13.29 -12.84
C HIS B 270 10.55 14.08 -11.90
N ASP B 271 10.93 15.31 -11.61
CA ASP B 271 10.11 16.18 -10.78
C ASP B 271 9.29 17.10 -11.65
N PRO B 272 7.96 17.14 -11.47
CA PRO B 272 7.14 18.02 -12.30
C PRO B 272 7.44 19.51 -12.13
N GLU B 273 8.07 19.90 -11.03
CA GLU B 273 8.48 21.29 -10.83
C GLU B 273 9.54 21.73 -11.83
N CYS B 274 10.36 20.81 -12.32
CA CYS B 274 11.51 21.15 -13.16
C CYS B 274 11.09 21.31 -14.62
N VAL B 275 10.26 22.33 -14.86
CA VAL B 275 9.81 22.70 -16.19
C VAL B 275 10.06 24.19 -16.39
N ALA B 276 10.74 24.53 -17.48
CA ALA B 276 11.07 25.91 -17.81
C ALA B 276 10.76 26.19 -19.27
N THR B 277 9.54 25.84 -19.68
CA THR B 277 9.09 26.07 -21.05
C THR B 277 9.12 27.55 -21.39
N THR B 278 9.92 27.91 -22.39
CA THR B 278 10.04 29.29 -22.85
C THR B 278 9.55 29.39 -24.28
N GLY B 279 8.60 30.30 -24.51
CA GLY B 279 8.00 30.42 -25.83
C GLY B 279 7.22 29.17 -26.18
N ASP B 280 7.40 28.69 -27.40
CA ASP B 280 6.78 27.45 -27.86
C ASP B 280 7.71 26.25 -27.67
N ILE B 281 8.83 26.44 -26.98
CA ILE B 281 9.81 25.38 -26.76
C ILE B 281 9.67 24.90 -25.33
N THR B 282 9.35 23.62 -25.17
CA THR B 282 9.10 23.03 -23.86
C THR B 282 10.30 22.18 -23.47
N VAL B 283 11.01 22.61 -22.44
CA VAL B 283 12.14 21.85 -21.90
C VAL B 283 11.68 21.10 -20.65
N SER B 284 12.01 19.82 -20.59
CA SER B 284 11.67 18.97 -19.45
C SER B 284 12.86 18.09 -19.14
N VAL B 285 13.24 18.02 -17.87
CA VAL B 285 14.47 17.36 -17.45
C VAL B 285 14.15 16.29 -16.43
N SER B 286 14.81 15.13 -16.56
CA SER B 286 14.69 14.02 -15.63
C SER B 286 16.08 13.61 -15.18
N THR B 287 16.21 13.31 -13.90
CA THR B 287 17.50 13.02 -13.28
C THR B 287 17.58 11.55 -12.91
N SER B 288 18.81 11.08 -12.66
CA SER B 288 19.01 9.72 -12.17
C SER B 288 20.38 9.58 -11.55
N PHE B 289 20.53 8.53 -10.76
CA PHE B 289 21.75 8.18 -10.07
C PHE B 289 22.28 6.85 -10.60
N LEU B 290 23.60 6.70 -10.63
CA LEU B 290 24.24 5.48 -11.08
C LEU B 290 25.29 5.05 -10.06
N PRO B 291 25.07 3.95 -9.33
CA PRO B 291 26.02 3.57 -8.28
C PRO B 291 27.31 2.94 -8.79
N GLU B 292 27.36 2.47 -10.04
CA GLU B 292 28.61 1.89 -10.55
C GLU B 292 29.68 2.96 -10.74
N LEU B 293 29.32 4.06 -11.39
CA LEU B 293 30.26 5.14 -11.67
C LEU B 293 30.44 6.07 -10.49
N SER B 294 29.64 5.91 -9.43
CA SER B 294 29.72 6.76 -8.26
C SER B 294 30.63 6.14 -7.21
N SER B 295 30.96 6.95 -6.22
CA SER B 295 31.84 6.49 -5.14
C SER B 295 31.60 7.37 -3.92
N VAL B 296 32.08 6.90 -2.77
CA VAL B 296 31.98 7.62 -1.52
C VAL B 296 33.33 8.18 -1.08
N HIS B 297 34.35 7.34 -1.08
CA HIS B 297 35.72 7.78 -0.76
C HIS B 297 36.63 7.42 -1.92
N PRO B 298 37.02 8.38 -2.77
CA PRO B 298 36.65 9.81 -2.77
C PRO B 298 35.23 10.03 -3.27
N PRO B 299 34.58 11.12 -2.87
CA PRO B 299 33.18 11.36 -3.30
C PRO B 299 33.12 11.70 -4.79
N HIS B 300 32.50 10.80 -5.55
CA HIS B 300 32.25 11.03 -6.97
C HIS B 300 30.78 11.37 -7.23
N TYR B 301 29.85 10.57 -6.71
CA TYR B 301 28.42 10.82 -6.75
C TYR B 301 27.91 11.13 -8.16
N PHE B 302 28.02 10.12 -9.01
CA PHE B 302 27.68 10.28 -10.41
C PHE B 302 26.18 10.52 -10.58
N PHE B 303 25.83 11.25 -11.63
CA PHE B 303 24.44 11.47 -12.00
C PHE B 303 24.32 11.47 -13.51
N THR B 304 23.13 11.10 -13.99
CA THR B 304 22.79 11.26 -15.39
C THR B 304 21.49 12.02 -15.49
N TYR B 305 21.21 12.53 -16.69
CA TYR B 305 20.02 13.34 -16.88
C TYR B 305 19.62 13.31 -18.35
N ARG B 306 18.30 13.24 -18.58
CA ARG B 306 17.73 13.28 -19.92
C ARG B 306 16.81 14.47 -20.04
N ILE B 307 16.97 15.24 -21.11
CA ILE B 307 16.21 16.46 -21.32
C ILE B 307 15.20 16.20 -22.43
N ARG B 308 13.94 16.51 -22.16
CA ARG B 308 12.86 16.32 -23.14
C ARG B 308 12.49 17.67 -23.74
N ILE B 309 13.23 18.06 -24.78
CA ILE B 309 12.91 19.27 -25.52
C ILE B 309 12.03 18.93 -26.70
N GLU B 310 10.99 19.72 -26.92
CA GLU B 310 10.06 19.53 -28.02
C GLU B 310 9.34 20.84 -28.29
N MET B 311 8.77 20.94 -29.49
CA MET B 311 7.92 22.06 -29.86
C MET B 311 6.50 21.57 -30.11
N SER B 312 5.53 22.31 -29.57
CA SER B 312 4.13 21.96 -29.75
C SER B 312 3.75 22.09 -31.22
N LYS B 313 2.85 21.21 -31.66
CA LYS B 313 2.33 21.29 -33.03
C LYS B 313 1.45 22.51 -33.24
N ASP B 314 1.00 23.15 -32.15
CA ASP B 314 0.21 24.37 -32.29
C ASP B 314 1.05 25.50 -32.88
N ALA B 315 2.36 25.49 -32.60
CA ALA B 315 3.24 26.50 -33.17
C ALA B 315 3.39 26.30 -34.67
N LEU B 316 3.45 27.41 -35.40
CA LEU B 316 3.59 27.36 -36.84
C LEU B 316 4.99 26.91 -37.22
N PRO B 317 5.16 26.16 -38.32
CA PRO B 317 6.50 25.65 -38.67
C PRO B 317 7.52 26.72 -39.01
N GLU B 318 7.06 27.94 -39.32
CA GLU B 318 7.97 29.02 -39.71
C GLU B 318 8.85 29.48 -38.56
N LYS B 319 8.51 29.13 -37.32
CA LYS B 319 9.37 29.41 -36.17
C LYS B 319 10.26 28.21 -35.86
N ALA B 320 11.14 27.90 -36.82
CA ALA B 320 12.02 26.74 -36.74
C ALA B 320 13.39 27.15 -36.20
N CYS B 321 13.88 26.38 -35.25
CA CYS B 321 15.10 26.72 -34.51
C CYS B 321 15.97 25.47 -34.34
N GLN B 322 17.26 25.72 -34.11
CA GLN B 322 18.26 24.65 -34.02
C GLN B 322 19.22 24.97 -32.87
N LEU B 323 19.55 23.95 -32.08
CA LEU B 323 20.45 24.15 -30.97
C LEU B 323 21.90 24.30 -31.45
N ASP B 324 22.65 25.14 -30.76
CA ASP B 324 24.09 25.21 -31.02
C ASP B 324 24.95 25.43 -29.78
N SER B 325 24.40 25.42 -28.56
CA SER B 325 25.20 25.68 -27.37
C SER B 325 24.57 25.00 -26.16
N ARG B 326 25.39 24.78 -25.12
CA ARG B 326 24.94 24.24 -23.84
C ARG B 326 25.74 24.92 -22.71
N TYR B 327 25.19 26.01 -22.18
CA TYR B 327 25.78 26.65 -21.02
C TYR B 327 25.17 26.09 -19.74
N TRP B 328 26.03 25.55 -18.87
CA TRP B 328 25.60 24.76 -17.72
C TRP B 328 26.22 25.33 -16.44
N ARG B 329 25.37 25.64 -15.46
CA ARG B 329 25.81 26.12 -14.15
C ARG B 329 25.76 24.98 -13.12
N ILE B 330 26.76 24.11 -13.18
CA ILE B 330 26.88 23.03 -12.20
C ILE B 330 27.18 23.63 -10.84
N THR B 331 26.39 23.25 -9.83
CA THR B 331 26.58 23.73 -8.48
C THR B 331 26.51 22.56 -7.51
N ASN B 332 27.58 22.39 -6.73
CA ASN B 332 27.62 21.33 -5.72
C ASN B 332 27.16 21.85 -4.37
N ALA B 333 27.36 21.07 -3.31
CA ALA B 333 26.98 21.50 -1.97
C ALA B 333 27.97 22.47 -1.35
N LYS B 334 29.16 22.61 -1.92
CA LYS B 334 30.14 23.58 -1.44
C LYS B 334 30.00 24.94 -2.15
N GLY B 335 29.02 25.08 -3.03
CA GLY B 335 28.80 26.31 -3.75
C GLY B 335 29.67 26.52 -4.96
N ASP B 336 30.55 25.57 -5.27
CA ASP B 336 31.43 25.71 -6.43
C ASP B 336 30.63 25.68 -7.73
N VAL B 337 31.04 26.50 -8.69
CA VAL B 337 30.37 26.62 -9.97
C VAL B 337 31.36 26.27 -11.07
N GLU B 338 30.97 25.35 -11.95
CA GLU B 338 31.74 25.02 -13.13
C GLU B 338 30.84 25.15 -14.35
N GLU B 339 31.42 25.58 -15.46
CA GLU B 339 30.65 25.90 -16.65
C GLU B 339 31.24 25.20 -17.86
N VAL B 340 30.35 24.80 -18.77
CA VAL B 340 30.71 24.23 -20.07
C VAL B 340 30.04 25.08 -21.14
N GLN B 341 30.71 25.20 -22.29
CA GLN B 341 30.24 26.07 -23.36
C GLN B 341 30.33 25.41 -24.73
N GLY B 342 30.61 24.11 -24.75
CA GLY B 342 30.81 23.37 -25.98
C GLY B 342 29.64 23.45 -26.93
N PRO B 343 29.92 23.65 -28.22
CA PRO B 343 28.84 23.80 -29.20
C PRO B 343 28.08 22.49 -29.41
N GLY B 344 26.75 22.57 -29.28
CA GLY B 344 25.90 21.42 -29.53
C GLY B 344 25.81 20.47 -28.35
N VAL B 345 24.60 19.97 -28.10
CA VAL B 345 24.40 19.02 -27.00
C VAL B 345 24.87 17.63 -27.44
N VAL B 346 25.61 16.97 -26.53
CA VAL B 346 26.25 15.66 -26.67
C VAL B 346 26.80 15.46 -28.10
N GLY B 347 27.50 16.46 -28.60
CA GLY B 347 28.06 16.42 -29.94
C GLY B 347 27.01 16.31 -31.03
N GLU B 348 25.92 17.06 -30.89
CA GLU B 348 24.83 17.01 -31.86
C GLU B 348 24.14 18.37 -31.89
N PHE B 349 23.62 18.71 -33.07
CA PHE B 349 22.91 19.97 -33.29
C PHE B 349 21.47 19.64 -33.68
N PRO B 350 20.58 19.39 -32.71
CA PRO B 350 19.24 18.93 -33.05
C PRO B 350 18.36 20.05 -33.60
N ILE B 351 17.25 19.64 -34.19
CA ILE B 351 16.27 20.55 -34.77
C ILE B 351 15.01 20.48 -33.91
N ILE B 352 14.54 21.64 -33.45
CA ILE B 352 13.30 21.74 -32.71
C ILE B 352 12.24 22.26 -33.68
N SER B 353 11.24 21.44 -33.96
CA SER B 353 10.23 21.72 -34.97
C SER B 353 8.88 21.27 -34.43
N PRO B 354 7.78 21.83 -34.94
CA PRO B 354 6.45 21.31 -34.58
C PRO B 354 6.29 19.82 -34.85
N GLY B 355 6.06 19.04 -33.79
CA GLY B 355 5.99 17.61 -33.87
C GLY B 355 7.27 16.90 -33.51
N ARG B 356 8.40 17.62 -33.52
CA ARG B 356 9.68 17.02 -33.20
C ARG B 356 9.89 17.00 -31.68
N VAL B 357 10.33 15.84 -31.18
CA VAL B 357 10.67 15.69 -29.77
C VAL B 357 12.10 15.16 -29.68
N TYR B 358 13.01 15.97 -29.16
CA TYR B 358 14.40 15.55 -28.98
C TYR B 358 14.64 15.19 -27.53
N GLU B 359 15.17 13.99 -27.30
CA GLU B 359 15.53 13.51 -25.97
C GLU B 359 16.93 12.93 -26.03
N TYR B 360 17.84 13.46 -25.21
CA TYR B 360 19.21 12.97 -25.20
C TYR B 360 19.66 12.75 -23.76
N THR B 361 20.56 11.79 -23.58
CA THR B 361 21.13 11.47 -22.28
C THR B 361 22.48 12.16 -22.12
N SER B 362 22.76 12.62 -20.90
CA SER B 362 24.04 13.25 -20.62
C SER B 362 24.42 12.93 -19.18
N CYS B 363 25.69 13.15 -18.88
CA CYS B 363 26.29 12.73 -17.62
C CYS B 363 26.84 13.94 -16.89
N THR B 364 26.80 13.92 -15.57
CA THR B 364 27.40 14.96 -14.75
C THR B 364 28.06 14.33 -13.52
N THR B 365 28.94 15.10 -12.89
CA THR B 365 29.85 14.55 -11.89
C THR B 365 29.88 15.45 -10.65
N PHE B 366 28.70 15.72 -10.09
CA PHE B 366 28.59 16.43 -8.82
C PHE B 366 29.41 15.75 -7.73
N SER B 367 30.48 16.40 -7.27
CA SER B 367 31.39 15.76 -6.33
C SER B 367 30.87 15.74 -4.90
N THR B 368 29.75 16.42 -4.61
CA THR B 368 29.15 16.41 -3.30
C THR B 368 27.79 15.72 -3.37
N THR B 369 27.27 15.37 -2.19
CA THR B 369 26.03 14.59 -2.12
C THR B 369 24.83 15.35 -2.69
N SER B 370 24.85 16.67 -2.60
CA SER B 370 23.81 17.48 -3.20
C SER B 370 24.24 17.91 -4.60
N GLY B 371 23.53 18.87 -5.18
CA GLY B 371 23.91 19.38 -6.48
C GLY B 371 22.73 19.80 -7.33
N TYR B 372 22.94 20.75 -8.23
CA TYR B 372 21.91 21.16 -9.16
C TYR B 372 22.53 21.84 -10.37
N MET B 373 21.74 21.98 -11.43
CA MET B 373 22.19 22.61 -12.65
C MET B 373 21.12 23.56 -13.18
N GLU B 374 21.55 24.39 -14.13
CA GLU B 374 20.74 25.39 -14.79
C GLU B 374 21.52 25.80 -16.02
N GLY B 375 20.93 26.62 -16.87
CA GLY B 375 21.71 27.15 -17.97
C GLY B 375 20.85 27.45 -19.18
N TYR B 376 21.51 27.52 -20.32
CA TYR B 376 20.89 27.96 -21.55
C TYR B 376 21.34 27.09 -22.72
N TYR B 377 20.46 26.94 -23.69
CA TYR B 377 20.85 26.37 -24.99
C TYR B 377 21.25 27.41 -26.02
N THR B 378 20.60 28.59 -26.01
CA THR B 378 20.86 29.67 -26.96
C THR B 378 20.72 29.16 -28.40
N PHE B 379 19.48 28.85 -28.76
CA PHE B 379 19.18 28.35 -30.10
C PHE B 379 19.55 29.39 -31.15
N HIS B 380 20.04 28.93 -32.30
CA HIS B 380 20.16 29.80 -33.45
C HIS B 380 19.06 29.45 -34.44
N PHE B 381 18.39 30.48 -34.95
CA PHE B 381 17.24 30.28 -35.81
C PHE B 381 17.68 29.73 -37.17
N LEU B 382 16.81 28.91 -37.77
CA LEU B 382 17.16 28.20 -39.01
C LEU B 382 17.09 29.12 -40.22
N TYR B 383 15.91 29.67 -40.51
CA TYR B 383 15.75 30.51 -41.70
C TYR B 383 16.48 31.84 -41.53
N PHE B 384 16.38 32.44 -40.34
CA PHE B 384 17.09 33.68 -40.03
C PHE B 384 18.36 33.31 -39.28
N LYS B 385 19.47 33.23 -40.04
CA LYS B 385 20.71 32.71 -39.50
C LYS B 385 21.34 33.60 -38.44
N ASP B 386 20.86 34.84 -38.31
CA ASP B 386 21.38 35.74 -37.29
C ASP B 386 20.57 35.74 -36.00
N LYS B 387 19.26 35.53 -36.09
CA LYS B 387 18.41 35.57 -34.92
C LYS B 387 18.67 34.37 -34.01
N ILE B 388 18.70 34.61 -32.70
CA ILE B 388 18.94 33.58 -31.71
C ILE B 388 17.80 33.61 -30.68
N PHE B 389 17.26 32.44 -30.36
CA PHE B 389 16.30 32.29 -29.28
C PHE B 389 17.02 31.84 -28.01
N ASN B 390 16.37 32.06 -26.87
CA ASN B 390 16.94 31.69 -25.58
C ASN B 390 16.05 30.63 -24.93
N VAL B 391 16.67 29.52 -24.54
CA VAL B 391 15.98 28.42 -23.87
C VAL B 391 16.70 28.14 -22.56
N ALA B 392 16.00 28.33 -21.46
CA ALA B 392 16.57 28.17 -20.12
C ALA B 392 16.20 26.80 -19.58
N ILE B 393 17.20 26.03 -19.18
CA ILE B 393 17.01 24.74 -18.52
C ILE B 393 16.51 25.00 -17.10
N PRO B 394 15.48 24.28 -16.64
CA PRO B 394 15.00 24.49 -15.27
C PRO B 394 16.05 24.09 -14.24
N ARG B 395 15.91 24.65 -13.05
CA ARG B 395 16.86 24.41 -11.96
C ARG B 395 16.51 23.09 -11.28
N PHE B 396 16.84 22.00 -11.95
CA PHE B 396 16.59 20.68 -11.40
C PHE B 396 17.65 20.32 -10.37
N HIS B 397 17.20 19.70 -9.28
CA HIS B 397 18.02 19.45 -8.11
C HIS B 397 18.33 17.96 -8.02
N MET B 398 19.59 17.61 -8.30
CA MET B 398 20.06 16.24 -8.18
C MET B 398 20.03 15.79 -6.72
N ALA B 399 19.97 14.48 -6.53
CA ALA B 399 19.94 13.91 -5.19
C ALA B 399 20.41 12.46 -5.16
N CYS B 400 21.55 12.21 -4.53
CA CYS B 400 21.96 10.84 -4.29
C CYS B 400 21.23 10.30 -3.06
N PRO B 401 20.99 8.98 -3.02
CA PRO B 401 20.30 8.41 -1.85
C PRO B 401 21.18 8.45 -0.61
N THR B 402 20.54 8.17 0.53
CA THR B 402 21.22 8.21 1.82
C THR B 402 22.34 7.18 1.88
N PHE B 403 23.59 7.63 1.85
CA PHE B 403 24.71 6.72 1.86
C PHE B 403 24.96 6.27 3.30
N ARG B 404 25.91 5.34 3.46
CA ARG B 404 26.30 4.88 4.79
C ARG B 404 27.74 4.38 4.76
N VAL B 405 28.63 5.14 5.42
CA VAL B 405 30.03 4.75 5.49
C VAL B 405 30.16 3.43 6.24
N SER B 406 31.01 2.54 5.73
CA SER B 406 31.16 1.22 6.31
C SER B 406 31.66 1.30 7.74
N ILE B 407 31.17 0.37 8.58
CA ILE B 407 31.61 0.30 9.96
C ILE B 407 33.08 -0.07 10.04
N ALA B 408 33.62 -0.73 9.02
CA ALA B 408 35.06 -0.96 8.95
C ALA B 408 35.81 0.36 8.86
N ARG B 409 35.33 1.29 8.04
CA ARG B 409 35.94 2.61 7.96
C ARG B 409 35.63 3.44 9.19
N LEU B 410 34.41 3.31 9.73
CA LEU B 410 34.02 4.09 10.90
C LEU B 410 34.86 3.73 12.13
N GLU B 411 35.12 2.44 12.31
CA GLU B 411 35.98 2.02 13.41
C GLU B 411 37.43 2.38 13.15
N MET B 412 37.82 2.35 11.87
CA MET B 412 39.22 2.66 11.49
C MET B 412 39.48 4.16 11.68
N GLY B 413 40.75 4.53 11.88
CA GLY B 413 41.11 5.96 12.05
C GLY B 413 42.56 6.11 12.44
#